data_6FOB
#
_entry.id   6FOB
#
_cell.length_a   66.220
_cell.length_b   66.220
_cell.length_c   264.200
_cell.angle_alpha   90.00
_cell.angle_beta   90.00
_cell.angle_gamma   120.00
#
_symmetry.space_group_name_H-M   'P 65 2 2'
#
loop_
_entity.id
_entity.type
_entity.pdbx_description
1 polymer 'Vitamin D3 receptor A'
2 polymer 'Nuclear receptor coactivator 1'
3 non-polymer (1~{R},3~{S},5~{Z})-4-methylidene-5-[(~{E})-3-[3-(6-methyl-6-oxidanyl-heptyl)phenyl]dec-2-enylidene]cyclohexane-1,3-diol
4 water water
#
loop_
_entity_poly.entity_id
_entity_poly.type
_entity_poly.pdbx_seq_one_letter_code
_entity_poly.pdbx_strand_id
1 'polypeptide(L)'
;HMLSDEQMQIINSLVEAHHKTYDDSYSDFVRFRPPVREGPVTRSASRAASLHSLSDASSDSFNHSPESVDTKLNFSNLLM
MYQDSGSPDSSEEDQQSRLSMLPHLADLVSYSIQKVIGFAKMIPGFRDLTAEDQIALLKSSAIEIIMLRSNQSFSLEDMS
WSCGGPDFKYCINDVTKAGHTLELLEPLVKFQVGLKKLKLHEEEHVLLMAICLLSPDRPGVQDHVRIEALQDRLCDVLQA
YIRIQHPGGRLLYAKMIQKLADLRSLNEEHSKQYRSLSFQPEHSMQLTPLVLEVFGSEVS
;
A
2 'polypeptide(L)' RHKILHRLLQEGSPS B
#
# COMPACT_ATOMS: atom_id res chain seq x y z
N MET A 2 6.29 10.17 -28.14
CA MET A 2 4.96 10.25 -27.51
C MET A 2 4.36 8.85 -27.19
N LEU A 3 3.54 8.77 -26.11
CA LEU A 3 2.90 7.54 -25.58
C LEU A 3 1.93 6.83 -26.55
N SER A 4 1.97 5.46 -26.55
CA SER A 4 1.12 4.60 -27.39
C SER A 4 -0.24 4.33 -26.73
N ASP A 5 -1.22 3.85 -27.55
CA ASP A 5 -2.57 3.50 -27.08
C ASP A 5 -2.56 2.49 -25.95
N GLU A 6 -1.77 1.39 -26.07
CA GLU A 6 -1.71 0.37 -25.02
C GLU A 6 -1.21 0.98 -23.71
N GLN A 7 -0.16 1.82 -23.78
CA GLN A 7 0.42 2.51 -22.64
C GLN A 7 -0.58 3.47 -22.00
N MET A 8 -1.44 4.06 -22.83
CA MET A 8 -2.46 5.00 -22.42
C MET A 8 -3.63 4.25 -21.76
N GLN A 9 -4.08 3.12 -22.36
CA GLN A 9 -5.18 2.28 -21.83
C GLN A 9 -4.82 1.74 -20.43
N ILE A 10 -3.53 1.39 -20.23
CA ILE A 10 -2.95 0.89 -18.98
C ILE A 10 -3.05 1.98 -17.91
N ILE A 11 -2.75 3.25 -18.26
CA ILE A 11 -2.83 4.36 -17.32
C ILE A 11 -4.29 4.58 -16.92
N ASN A 12 -5.20 4.67 -17.92
CA ASN A 12 -6.63 4.85 -17.74
C ASN A 12 -7.24 3.87 -16.77
N SER A 13 -7.06 2.56 -17.02
CA SER A 13 -7.61 1.51 -16.16
C SER A 13 -7.09 1.61 -14.73
N LEU A 14 -5.76 1.89 -14.57
CA LEU A 14 -5.15 2.04 -13.24
C LEU A 14 -5.74 3.25 -12.53
N VAL A 15 -5.75 4.43 -13.18
CA VAL A 15 -6.36 5.65 -12.62
C VAL A 15 -7.84 5.41 -12.21
N GLU A 16 -8.63 4.73 -13.07
CA GLU A 16 -10.03 4.39 -12.81
C GLU A 16 -10.16 3.46 -11.63
N ALA A 17 -9.25 2.46 -11.52
CA ALA A 17 -9.19 1.47 -10.43
C ALA A 17 -8.90 2.15 -9.12
N HIS A 18 -7.98 3.14 -9.15
CA HIS A 18 -7.62 3.89 -7.96
C HIS A 18 -8.76 4.71 -7.50
N HIS A 19 -9.42 5.40 -8.43
CA HIS A 19 -10.60 6.20 -8.13
C HIS A 19 -11.71 5.38 -7.49
N LYS A 20 -11.94 4.15 -7.96
CA LYS A 20 -12.95 3.23 -7.45
C LYS A 20 -12.62 2.71 -6.05
N THR A 21 -11.31 2.66 -5.67
CA THR A 21 -10.84 2.03 -4.42
C THR A 21 -10.23 3.02 -3.35
N TYR A 22 -10.23 4.34 -3.60
CA TYR A 22 -9.76 5.33 -2.64
C TYR A 22 -10.80 6.44 -2.53
N ASP A 23 -11.37 6.65 -1.33
CA ASP A 23 -12.35 7.72 -1.04
C ASP A 23 -11.60 8.89 -0.39
N ASP A 24 -11.62 10.10 -1.02
CA ASP A 24 -10.94 11.28 -0.46
C ASP A 24 -11.71 11.96 0.69
N SER A 25 -12.92 11.46 0.98
CA SER A 25 -13.79 11.97 2.03
C SER A 25 -13.65 11.14 3.31
N TYR A 26 -12.99 9.96 3.23
CA TYR A 26 -12.78 8.99 4.30
C TYR A 26 -14.07 8.76 5.08
N SER A 27 -15.18 8.69 4.34
CA SER A 27 -16.52 8.58 4.93
C SER A 27 -16.78 7.23 5.62
N ASP A 28 -16.09 6.15 5.18
CA ASP A 28 -16.26 4.83 5.79
C ASP A 28 -15.61 4.69 7.18
N PHE A 29 -14.72 5.64 7.57
CA PHE A 29 -13.98 5.64 8.83
C PHE A 29 -14.89 5.65 10.07
N VAL A 30 -16.15 6.11 9.94
CA VAL A 30 -17.12 6.10 11.04
C VAL A 30 -17.59 4.68 11.36
N ARG A 31 -17.40 3.75 10.42
CA ARG A 31 -17.80 2.35 10.57
C ARG A 31 -16.78 1.49 11.38
N PHE A 32 -15.56 2.02 11.57
CA PHE A 32 -14.50 1.32 12.32
C PHE A 32 -14.71 1.51 13.83
N ARG A 33 -14.04 0.62 14.62
CA ARG A 33 -13.97 0.72 16.07
C ARG A 33 -13.32 2.10 16.34
N PRO A 34 -13.92 2.95 17.18
CA PRO A 34 -13.37 4.29 17.40
C PRO A 34 -11.95 4.37 17.94
N PRO A 35 -11.23 5.44 17.54
CA PRO A 35 -9.89 5.68 18.10
C PRO A 35 -10.02 6.10 19.56
N VAL A 36 -9.05 5.67 20.39
CA VAL A 36 -9.03 6.03 21.81
C VAL A 36 -7.62 6.58 22.15
N ARG A 37 -7.57 7.80 22.72
CA ARG A 37 -6.30 8.43 23.13
C ARG A 37 -6.40 8.89 24.58
N ARG A 98 -3.71 -0.21 27.70
CA ARG A 98 -2.56 -0.32 26.80
C ARG A 98 -3.04 -0.73 25.39
N LEU A 99 -2.52 -0.03 24.36
CA LEU A 99 -2.78 -0.22 22.92
C LEU A 99 -4.23 0.14 22.52
N SER A 100 -4.67 1.29 23.03
CA SER A 100 -6.00 1.87 22.84
C SER A 100 -6.32 2.16 21.38
N MET A 101 -5.30 2.47 20.58
CA MET A 101 -5.43 2.78 19.16
C MET A 101 -5.38 1.53 18.27
N LEU A 102 -5.15 0.31 18.86
CA LEU A 102 -5.07 -0.92 18.07
C LEU A 102 -6.41 -1.28 17.39
N PRO A 103 -7.58 -1.37 18.08
CA PRO A 103 -8.85 -1.63 17.37
C PRO A 103 -9.08 -0.76 16.13
N HIS A 104 -8.94 0.58 16.24
CA HIS A 104 -9.10 1.50 15.08
C HIS A 104 -8.10 1.20 13.97
N LEU A 105 -6.79 1.10 14.31
CA LEU A 105 -5.75 0.79 13.33
C LEU A 105 -6.04 -0.51 12.60
N ALA A 106 -6.46 -1.56 13.34
CA ALA A 106 -6.75 -2.87 12.76
C ALA A 106 -7.91 -2.73 11.77
N ASP A 107 -8.98 -2.02 12.17
CA ASP A 107 -10.13 -1.79 11.32
C ASP A 107 -9.76 -0.99 10.07
N LEU A 108 -8.92 0.04 10.26
CA LEU A 108 -8.41 0.89 9.18
C LEU A 108 -7.56 0.09 8.17
N VAL A 109 -6.60 -0.71 8.66
CA VAL A 109 -5.69 -1.54 7.84
C VAL A 109 -6.49 -2.63 7.11
N SER A 110 -7.55 -3.21 7.76
CA SER A 110 -8.41 -4.26 7.20
C SER A 110 -9.19 -3.74 6.04
N TYR A 111 -9.77 -2.55 6.21
CA TYR A 111 -10.54 -1.83 5.20
C TYR A 111 -9.67 -1.53 3.97
N SER A 112 -8.43 -1.04 4.21
CA SER A 112 -7.46 -0.70 3.17
C SER A 112 -7.00 -1.92 2.41
N ILE A 113 -6.85 -3.13 3.07
CA ILE A 113 -6.46 -4.37 2.38
C ILE A 113 -7.51 -4.71 1.31
N GLN A 114 -8.79 -4.58 1.68
CA GLN A 114 -9.90 -4.82 0.77
C GLN A 114 -9.79 -3.92 -0.43
N LYS A 115 -9.46 -2.64 -0.17
CA LYS A 115 -9.32 -1.64 -1.22
C LYS A 115 -8.10 -1.93 -2.11
N VAL A 116 -6.97 -2.43 -1.53
CA VAL A 116 -5.75 -2.81 -2.26
C VAL A 116 -6.08 -4.01 -3.20
N ILE A 117 -6.91 -4.99 -2.73
CA ILE A 117 -7.36 -6.17 -3.50
C ILE A 117 -8.18 -5.72 -4.72
N GLY A 118 -9.14 -4.80 -4.50
CA GLY A 118 -9.97 -4.20 -5.54
C GLY A 118 -9.13 -3.55 -6.61
N PHE A 119 -8.16 -2.71 -6.19
CA PHE A 119 -7.19 -2.05 -7.07
C PHE A 119 -6.40 -3.10 -7.83
N ALA A 120 -5.82 -4.10 -7.11
CA ALA A 120 -5.02 -5.17 -7.68
C ALA A 120 -5.73 -5.90 -8.78
N LYS A 121 -6.96 -6.36 -8.50
CA LYS A 121 -7.80 -7.06 -9.49
C LYS A 121 -7.88 -6.35 -10.87
N MET A 122 -7.63 -5.03 -10.90
CA MET A 122 -7.74 -4.21 -12.08
C MET A 122 -6.40 -3.84 -12.73
N ILE A 123 -5.25 -4.13 -12.03
CA ILE A 123 -3.91 -3.94 -12.60
C ILE A 123 -3.87 -4.85 -13.81
N PRO A 124 -3.67 -4.33 -15.02
CA PRO A 124 -3.66 -5.20 -16.21
C PRO A 124 -2.68 -6.39 -16.10
N GLY A 125 -3.23 -7.60 -16.22
CA GLY A 125 -2.47 -8.85 -16.15
C GLY A 125 -2.47 -9.58 -14.82
N PHE A 126 -2.84 -8.88 -13.74
CA PHE A 126 -2.88 -9.45 -12.40
C PHE A 126 -3.93 -10.57 -12.30
N ARG A 127 -5.13 -10.34 -12.90
CA ARG A 127 -6.25 -11.28 -12.90
C ARG A 127 -5.92 -12.61 -13.62
N ASP A 128 -4.91 -12.60 -14.52
CA ASP A 128 -4.45 -13.75 -15.31
C ASP A 128 -3.46 -14.65 -14.61
N LEU A 129 -2.85 -14.15 -13.52
CA LEU A 129 -1.90 -14.90 -12.69
C LEU A 129 -2.63 -16.03 -11.93
N THR A 130 -1.90 -16.99 -11.33
CA THR A 130 -2.58 -18.05 -10.55
C THR A 130 -3.09 -17.44 -9.23
N ALA A 131 -4.16 -18.02 -8.63
CA ALA A 131 -4.70 -17.53 -7.36
C ALA A 131 -3.58 -17.49 -6.32
N GLU A 132 -2.67 -18.47 -6.41
CA GLU A 132 -1.51 -18.66 -5.57
C GLU A 132 -0.56 -17.47 -5.69
N ASP A 133 -0.22 -17.05 -6.95
CA ASP A 133 0.64 -15.88 -7.20
C ASP A 133 -0.03 -14.56 -6.83
N GLN A 134 -1.35 -14.43 -7.08
CA GLN A 134 -2.09 -13.24 -6.69
C GLN A 134 -2.02 -13.10 -5.16
N ILE A 135 -2.19 -14.20 -4.42
CA ILE A 135 -2.13 -14.19 -2.96
C ILE A 135 -0.69 -13.91 -2.51
N ALA A 136 0.30 -14.56 -3.13
CA ALA A 136 1.72 -14.41 -2.80
C ALA A 136 2.16 -12.96 -2.86
N LEU A 137 1.77 -12.26 -3.94
CA LEU A 137 2.08 -10.86 -4.21
C LEU A 137 1.28 -9.94 -3.28
N LEU A 138 -0.02 -10.23 -3.09
CA LEU A 138 -0.88 -9.42 -2.23
C LEU A 138 -0.39 -9.42 -0.80
N LYS A 139 -0.07 -10.61 -0.25
CA LYS A 139 0.45 -10.77 1.12
C LYS A 139 1.74 -10.01 1.35
N SER A 140 2.76 -10.24 0.50
CA SER A 140 4.08 -9.63 0.68
C SER A 140 4.12 -8.14 0.38
N SER A 141 3.32 -7.63 -0.58
CA SER A 141 3.33 -6.20 -0.88
C SER A 141 2.29 -5.35 -0.12
N ALA A 142 1.25 -6.00 0.48
CA ALA A 142 0.13 -5.36 1.18
C ALA A 142 0.50 -4.15 1.95
N ILE A 143 1.43 -4.28 2.93
CA ILE A 143 1.81 -3.14 3.77
C ILE A 143 2.45 -1.99 2.99
N GLU A 144 3.19 -2.29 1.91
CA GLU A 144 3.87 -1.29 1.09
C GLU A 144 2.88 -0.46 0.29
N ILE A 145 1.82 -1.12 -0.22
CA ILE A 145 0.75 -0.45 -0.97
C ILE A 145 0.00 0.45 -0.02
N ILE A 146 -0.30 -0.04 1.19
CA ILE A 146 -0.96 0.75 2.23
C ILE A 146 -0.11 2.00 2.56
N MET A 147 1.22 1.86 2.62
CA MET A 147 2.15 2.97 2.90
C MET A 147 2.13 3.94 1.75
N LEU A 148 2.09 3.42 0.50
CA LEU A 148 2.06 4.24 -0.72
C LEU A 148 0.77 5.07 -0.82
N ARG A 149 -0.39 4.39 -0.71
CA ARG A 149 -1.72 4.97 -0.80
C ARG A 149 -2.00 6.00 0.30
N SER A 150 -1.43 5.79 1.50
CA SER A 150 -1.57 6.68 2.64
C SER A 150 -0.92 8.03 2.44
N ASN A 151 -0.03 8.17 1.43
CA ASN A 151 0.66 9.44 1.16
C ASN A 151 -0.33 10.54 0.81
N GLN A 152 -1.43 10.17 0.12
CA GLN A 152 -2.56 11.03 -0.25
C GLN A 152 -3.19 11.76 0.97
N SER A 153 -3.19 11.14 2.15
CA SER A 153 -3.73 11.75 3.36
C SER A 153 -2.61 12.40 4.19
N PHE A 154 -1.34 12.03 3.93
CA PHE A 154 -0.19 12.60 4.63
C PHE A 154 -0.04 14.08 4.31
N SER A 155 0.25 14.90 5.34
CA SER A 155 0.41 16.34 5.23
C SER A 155 1.78 16.77 5.75
N LEU A 156 2.45 17.65 4.99
CA LEU A 156 3.75 18.17 5.34
C LEU A 156 3.64 19.21 6.46
N GLU A 157 2.51 19.97 6.47
CA GLU A 157 2.21 21.03 7.45
C GLU A 157 2.16 20.55 8.89
N ASP A 158 1.58 19.36 9.13
CA ASP A 158 1.46 18.85 10.49
C ASP A 158 2.07 17.46 10.70
N MET A 159 2.78 16.92 9.68
CA MET A 159 3.48 15.62 9.76
C MET A 159 2.57 14.48 10.22
N SER A 160 1.33 14.52 9.70
CA SER A 160 0.28 13.59 10.04
C SER A 160 -0.55 13.20 8.83
N TRP A 161 -1.27 12.08 9.00
CA TRP A 161 -2.23 11.54 8.03
C TRP A 161 -3.55 12.12 8.51
N SER A 162 -4.10 13.08 7.77
CA SER A 162 -5.34 13.74 8.16
C SER A 162 -6.48 13.11 7.39
N CYS A 163 -7.36 12.36 8.08
CA CYS A 163 -8.46 11.67 7.42
C CYS A 163 -9.84 12.16 7.79
N GLY A 164 -9.90 13.23 8.60
CA GLY A 164 -11.18 13.75 9.06
C GLY A 164 -11.12 14.80 10.12
N GLY A 165 -12.13 14.82 10.99
CA GLY A 165 -12.30 15.79 12.06
C GLY A 165 -11.18 15.73 13.08
N PRO A 166 -11.49 15.86 14.38
CA PRO A 166 -10.41 15.76 15.38
C PRO A 166 -9.91 14.31 15.51
N ASP A 167 -10.85 13.37 15.27
CA ASP A 167 -10.73 11.93 15.43
C ASP A 167 -9.83 11.25 14.46
N PHE A 168 -9.93 11.57 13.16
CA PHE A 168 -9.15 10.87 12.14
C PHE A 168 -7.88 11.63 11.69
N LYS A 169 -7.43 12.60 12.52
CA LYS A 169 -6.16 13.29 12.32
C LYS A 169 -5.16 12.45 13.10
N TYR A 170 -4.31 11.73 12.36
CA TYR A 170 -3.35 10.79 12.92
C TYR A 170 -1.91 11.28 12.97
N CYS A 171 -1.39 11.52 14.18
CA CYS A 171 0.01 11.89 14.36
C CYS A 171 0.80 10.61 14.67
N ILE A 172 2.14 10.71 14.75
CA ILE A 172 2.97 9.54 14.99
C ILE A 172 2.78 8.92 16.41
N ASN A 173 2.41 9.74 17.42
CA ASN A 173 2.16 9.24 18.77
C ASN A 173 0.93 8.29 18.83
N ASP A 174 0.01 8.38 17.85
CA ASP A 174 -1.17 7.52 17.78
C ASP A 174 -0.77 6.08 17.45
N VAL A 175 0.18 5.92 16.52
CA VAL A 175 0.65 4.61 16.07
C VAL A 175 1.49 3.93 17.20
N THR A 176 2.03 4.73 18.15
CA THR A 176 2.75 4.22 19.32
C THR A 176 1.74 3.48 20.21
N LYS A 177 0.53 4.07 20.37
CA LYS A 177 -0.59 3.55 21.15
C LYS A 177 -1.30 2.42 20.41
N ALA A 178 -0.72 1.97 19.28
CA ALA A 178 -1.25 0.93 18.40
C ALA A 178 -0.32 -0.28 18.24
N GLY A 179 0.65 -0.43 19.15
CA GLY A 179 1.56 -1.56 19.16
C GLY A 179 2.80 -1.47 18.29
N HIS A 180 3.05 -0.30 17.68
CA HIS A 180 4.27 -0.12 16.88
C HIS A 180 5.23 0.86 17.55
N THR A 181 6.54 0.74 17.22
CA THR A 181 7.59 1.57 17.81
C THR A 181 8.11 2.64 16.84
N LEU A 182 8.94 3.57 17.37
CA LEU A 182 9.58 4.63 16.59
C LEU A 182 10.51 4.05 15.54
N GLU A 183 11.01 2.81 15.74
CA GLU A 183 11.91 2.12 14.80
C GLU A 183 11.27 1.90 13.44
N LEU A 184 9.92 1.80 13.41
CA LEU A 184 9.17 1.67 12.17
C LEU A 184 8.65 3.04 11.75
N LEU A 185 8.16 3.82 12.71
CA LEU A 185 7.50 5.10 12.51
C LEU A 185 8.40 6.22 12.06
N GLU A 186 9.62 6.32 12.60
CA GLU A 186 10.60 7.32 12.19
C GLU A 186 10.93 7.15 10.70
N PRO A 187 11.34 5.97 10.15
CA PRO A 187 11.59 5.89 8.70
C PRO A 187 10.33 6.04 7.85
N LEU A 188 9.14 5.70 8.42
CA LEU A 188 7.84 5.82 7.76
C LEU A 188 7.50 7.27 7.49
N VAL A 189 7.56 8.13 8.54
CA VAL A 189 7.30 9.56 8.41
C VAL A 189 8.33 10.16 7.44
N LYS A 190 9.62 9.81 7.57
CA LYS A 190 10.72 10.25 6.68
C LYS A 190 10.42 9.86 5.21
N PHE A 191 9.92 8.62 4.99
CA PHE A 191 9.52 8.14 3.66
C PHE A 191 8.28 8.93 3.17
N GLN A 192 7.32 9.19 4.06
CA GLN A 192 6.10 9.93 3.73
C GLN A 192 6.41 11.34 3.22
N VAL A 193 7.35 12.04 3.88
CA VAL A 193 7.80 13.40 3.54
C VAL A 193 8.59 13.38 2.21
N GLY A 194 9.40 12.33 2.03
CA GLY A 194 10.20 12.14 0.82
C GLY A 194 9.33 11.98 -0.42
N LEU A 195 8.31 11.11 -0.30
CA LEU A 195 7.33 10.78 -1.34
C LEU A 195 6.47 11.99 -1.72
N LYS A 196 5.94 12.71 -0.71
CA LYS A 196 5.09 13.89 -0.90
C LYS A 196 5.86 14.92 -1.67
N LYS A 197 7.12 15.19 -1.26
CA LYS A 197 8.01 16.13 -1.93
C LYS A 197 8.20 15.84 -3.42
N LEU A 198 7.98 14.58 -3.89
CA LEU A 198 8.08 14.23 -5.30
C LEU A 198 6.92 14.77 -6.12
N LYS A 199 5.88 15.35 -5.46
CA LYS A 199 4.68 15.94 -6.09
C LYS A 199 4.24 15.10 -7.30
N LEU A 200 4.07 13.78 -7.08
CA LEU A 200 3.70 12.81 -8.12
C LEU A 200 2.37 13.18 -8.74
N HIS A 201 2.20 12.82 -10.02
CA HIS A 201 0.96 13.00 -10.75
C HIS A 201 0.13 11.80 -10.33
N GLU A 202 -1.18 11.88 -10.47
CA GLU A 202 -2.09 10.81 -10.11
C GLU A 202 -1.68 9.47 -10.79
N GLU A 203 -1.21 9.56 -12.05
CA GLU A 203 -0.72 8.48 -12.95
C GLU A 203 0.57 7.83 -12.41
N GLU A 204 1.51 8.66 -11.90
CA GLU A 204 2.79 8.22 -11.34
C GLU A 204 2.53 7.45 -10.04
N HIS A 205 1.69 8.01 -9.17
CA HIS A 205 1.32 7.42 -7.90
C HIS A 205 0.63 6.07 -8.10
N VAL A 206 -0.27 6.00 -9.09
CA VAL A 206 -1.03 4.77 -9.40
C VAL A 206 -0.10 3.69 -9.96
N LEU A 207 0.83 4.11 -10.85
CA LEU A 207 1.80 3.25 -11.51
C LEU A 207 2.78 2.72 -10.50
N LEU A 208 3.31 3.56 -9.58
CA LEU A 208 4.22 3.14 -8.52
C LEU A 208 3.57 2.06 -7.64
N MET A 209 2.26 2.19 -7.33
CA MET A 209 1.53 1.18 -6.57
C MET A 209 1.47 -0.14 -7.37
N ALA A 210 1.16 -0.05 -8.68
CA ALA A 210 1.10 -1.21 -9.56
C ALA A 210 2.48 -1.86 -9.77
N ILE A 211 3.58 -1.04 -9.76
CA ILE A 211 4.99 -1.51 -9.88
C ILE A 211 5.31 -2.31 -8.62
N CYS A 212 5.03 -1.69 -7.44
CA CYS A 212 5.22 -2.27 -6.12
C CYS A 212 4.53 -3.61 -6.07
N LEU A 213 3.22 -3.65 -6.37
CA LEU A 213 2.42 -4.88 -6.37
C LEU A 213 2.96 -6.01 -7.27
N LEU A 214 3.55 -5.68 -8.42
CA LEU A 214 4.05 -6.73 -9.34
C LEU A 214 5.55 -7.01 -9.22
N SER A 215 6.14 -6.82 -8.03
CA SER A 215 7.56 -7.09 -7.81
C SER A 215 7.77 -8.61 -7.78
N PRO A 216 8.60 -9.17 -8.68
CA PRO A 216 8.82 -10.64 -8.68
C PRO A 216 9.53 -11.19 -7.42
N ASP A 217 10.49 -10.44 -6.90
CA ASP A 217 11.30 -10.72 -5.72
C ASP A 217 10.51 -10.69 -4.39
N ARG A 218 9.55 -11.63 -4.23
CA ARG A 218 8.75 -11.72 -3.00
C ARG A 218 8.70 -13.17 -2.55
N PRO A 219 8.58 -13.47 -1.24
CA PRO A 219 8.45 -14.88 -0.83
C PRO A 219 7.10 -15.45 -1.27
N GLY A 220 7.12 -16.64 -1.86
CA GLY A 220 5.93 -17.35 -2.32
C GLY A 220 5.66 -17.29 -3.82
N VAL A 221 6.23 -16.30 -4.53
CA VAL A 221 5.98 -16.16 -5.96
C VAL A 221 6.50 -17.37 -6.75
N GLN A 222 5.75 -17.82 -7.75
CA GLN A 222 6.12 -18.98 -8.54
C GLN A 222 6.52 -18.59 -9.96
N ASP A 223 5.71 -17.77 -10.64
CA ASP A 223 5.96 -17.33 -12.00
C ASP A 223 6.67 -15.97 -12.00
N HIS A 224 7.89 -15.91 -11.40
CA HIS A 224 8.70 -14.70 -11.30
C HIS A 224 9.23 -14.17 -12.66
N VAL A 225 8.85 -14.82 -13.79
CA VAL A 225 9.21 -14.39 -15.15
C VAL A 225 8.02 -13.66 -15.78
N ARG A 226 6.78 -14.07 -15.47
CA ARG A 226 5.58 -13.42 -15.98
C ARG A 226 5.31 -12.15 -15.18
N ILE A 227 5.57 -12.19 -13.85
CA ILE A 227 5.42 -11.06 -12.91
C ILE A 227 6.46 -9.96 -13.23
N GLU A 228 7.72 -10.38 -13.53
CA GLU A 228 8.81 -9.47 -13.92
C GLU A 228 8.45 -8.79 -15.22
N ALA A 229 7.79 -9.55 -16.15
CA ALA A 229 7.31 -9.07 -17.46
C ALA A 229 6.27 -7.95 -17.32
N LEU A 230 5.21 -8.20 -16.51
CA LEU A 230 4.12 -7.25 -16.24
C LEU A 230 4.67 -5.99 -15.61
N GLN A 231 5.62 -6.17 -14.66
CA GLN A 231 6.27 -5.08 -13.95
C GLN A 231 7.12 -4.19 -14.89
N ASP A 232 7.87 -4.81 -15.82
CA ASP A 232 8.70 -4.08 -16.79
C ASP A 232 7.82 -3.31 -17.77
N ARG A 233 6.70 -3.90 -18.19
CA ARG A 233 5.72 -3.30 -19.09
C ARG A 233 5.16 -2.02 -18.43
N LEU A 234 4.84 -2.08 -17.11
CA LEU A 234 4.34 -0.96 -16.31
C LEU A 234 5.45 0.08 -16.03
N CYS A 235 6.71 -0.40 -15.85
CA CYS A 235 7.89 0.45 -15.63
C CYS A 235 8.15 1.29 -16.88
N ASP A 236 7.96 0.69 -18.08
CA ASP A 236 8.13 1.39 -19.35
C ASP A 236 7.06 2.45 -19.48
N VAL A 237 5.83 2.15 -19.01
CA VAL A 237 4.71 3.07 -19.04
C VAL A 237 5.06 4.30 -18.19
N LEU A 238 5.56 4.08 -16.95
CA LEU A 238 5.94 5.16 -16.04
C LEU A 238 7.04 6.05 -16.60
N GLN A 239 8.13 5.42 -17.07
CA GLN A 239 9.34 6.05 -17.62
C GLN A 239 9.02 6.95 -18.80
N ALA A 240 8.10 6.50 -19.66
CA ALA A 240 7.62 7.23 -20.82
C ALA A 240 6.69 8.34 -20.34
N TYR A 241 5.82 8.06 -19.34
CA TYR A 241 4.92 9.11 -18.84
C TYR A 241 5.67 10.33 -18.30
N ILE A 242 6.72 10.11 -17.48
CA ILE A 242 7.50 11.22 -16.91
C ILE A 242 8.21 12.05 -18.03
N ARG A 243 8.83 11.40 -19.02
CA ARG A 243 9.55 12.01 -20.16
C ARG A 243 8.59 12.92 -20.98
N ILE A 244 7.56 12.30 -21.58
CA ILE A 244 6.50 12.90 -22.40
C ILE A 244 5.60 13.87 -21.62
N GLN A 245 5.22 13.54 -20.38
CA GLN A 245 4.21 14.35 -19.66
C GLN A 245 4.62 15.08 -18.37
N HIS A 246 5.83 14.89 -17.85
CA HIS A 246 6.20 15.56 -16.61
C HIS A 246 7.37 16.53 -16.78
N PRO A 247 7.11 17.86 -16.82
CA PRO A 247 8.23 18.81 -16.98
C PRO A 247 9.07 18.85 -15.71
N GLY A 248 10.39 18.84 -15.88
CA GLY A 248 11.36 18.80 -14.80
C GLY A 248 11.42 17.45 -14.12
N GLY A 249 10.93 16.42 -14.82
CA GLY A 249 10.91 15.06 -14.31
C GLY A 249 12.15 14.27 -14.65
N ARG A 250 13.16 14.94 -15.21
CA ARG A 250 14.45 14.38 -15.64
C ARG A 250 15.10 13.37 -14.66
N LEU A 251 14.79 13.44 -13.36
CA LEU A 251 15.37 12.55 -12.36
C LEU A 251 14.37 11.70 -11.59
N LEU A 252 13.08 12.10 -11.62
CA LEU A 252 11.94 11.50 -10.94
C LEU A 252 11.86 9.98 -10.98
N TYR A 253 11.92 9.35 -12.17
CA TYR A 253 11.82 7.89 -12.29
C TYR A 253 12.77 7.19 -11.33
N ALA A 254 14.08 7.57 -11.34
CA ALA A 254 15.11 7.03 -10.45
C ALA A 254 14.70 7.19 -8.97
N LYS A 255 14.28 8.42 -8.59
CA LYS A 255 13.81 8.81 -7.27
C LYS A 255 12.65 7.92 -6.83
N MET A 256 11.73 7.60 -7.78
CA MET A 256 10.57 6.73 -7.56
C MET A 256 11.01 5.28 -7.31
N ILE A 257 11.93 4.76 -8.15
CA ILE A 257 12.48 3.40 -8.03
C ILE A 257 13.18 3.22 -6.68
N GLN A 258 13.90 4.28 -6.19
CA GLN A 258 14.57 4.26 -4.90
C GLN A 258 13.57 4.18 -3.72
N LYS A 259 12.33 4.70 -3.91
CA LYS A 259 11.27 4.64 -2.90
C LYS A 259 10.81 3.19 -2.71
N LEU A 260 11.04 2.33 -3.74
CA LEU A 260 10.67 0.91 -3.64
C LEU A 260 11.64 0.17 -2.72
N ALA A 261 12.91 0.58 -2.71
CA ALA A 261 13.95 0.00 -1.84
C ALA A 261 13.65 0.34 -0.38
N ASP A 262 13.17 1.58 -0.14
CA ASP A 262 12.80 2.11 1.17
C ASP A 262 11.70 1.27 1.74
N LEU A 263 10.69 0.96 0.89
CA LEU A 263 9.52 0.18 1.23
C LEU A 263 9.88 -1.21 1.70
N ARG A 264 10.95 -1.83 1.14
CA ARG A 264 11.40 -3.16 1.59
C ARG A 264 11.92 -3.14 3.02
N SER A 265 12.67 -2.06 3.39
CA SER A 265 13.15 -1.85 4.76
C SER A 265 11.94 -1.63 5.71
N LEU A 266 10.98 -0.78 5.29
CA LEU A 266 9.78 -0.44 6.04
C LEU A 266 8.93 -1.69 6.23
N ASN A 267 8.85 -2.53 5.18
CA ASN A 267 8.07 -3.77 5.16
C ASN A 267 8.67 -4.71 6.17
N GLU A 268 10.01 -4.87 6.13
CA GLU A 268 10.76 -5.72 7.02
C GLU A 268 10.50 -5.37 8.49
N GLU A 269 10.66 -4.08 8.86
CA GLU A 269 10.46 -3.59 10.22
C GLU A 269 9.03 -3.82 10.71
N HIS A 270 8.02 -3.62 9.83
CA HIS A 270 6.61 -3.87 10.17
C HIS A 270 6.38 -5.35 10.51
N SER A 271 6.91 -6.27 9.66
CA SER A 271 6.81 -7.74 9.82
C SER A 271 7.28 -8.22 11.20
N LYS A 272 8.44 -7.70 11.66
CA LYS A 272 9.04 -7.99 12.98
C LYS A 272 8.06 -7.54 14.06
N GLN A 273 7.66 -6.24 14.02
CA GLN A 273 6.74 -5.61 14.97
C GLN A 273 5.38 -6.28 15.00
N TYR A 274 4.90 -6.79 13.84
CA TYR A 274 3.63 -7.53 13.69
C TYR A 274 3.75 -8.92 14.32
N ARG A 275 4.90 -9.59 14.13
CA ARG A 275 5.09 -10.91 14.72
C ARG A 275 5.02 -10.81 16.25
N SER A 276 5.61 -9.75 16.83
CA SER A 276 5.61 -9.45 18.27
C SER A 276 4.18 -9.25 18.80
N LEU A 277 3.39 -8.44 18.06
CA LEU A 277 2.01 -8.12 18.35
C LEU A 277 1.10 -9.37 18.22
N SER A 278 1.19 -10.08 17.08
CA SER A 278 0.45 -11.30 16.77
C SER A 278 0.76 -12.47 17.69
N PHE A 279 1.98 -12.55 18.26
CA PHE A 279 2.33 -13.64 19.19
C PHE A 279 1.65 -13.53 20.55
N GLN A 280 1.14 -12.33 20.92
CA GLN A 280 0.43 -12.05 22.18
C GLN A 280 -1.10 -12.16 21.94
N PRO A 281 -1.78 -13.24 22.43
CA PRO A 281 -3.22 -13.42 22.13
C PRO A 281 -4.10 -12.24 22.49
N GLU A 282 -3.79 -11.56 23.61
CA GLU A 282 -4.49 -10.35 24.06
C GLU A 282 -4.42 -9.21 23.00
N HIS A 283 -3.40 -9.22 22.12
CA HIS A 283 -3.24 -8.25 21.01
C HIS A 283 -3.78 -8.77 19.69
N SER A 284 -3.51 -10.06 19.36
CA SER A 284 -4.00 -10.62 18.10
C SER A 284 -5.57 -10.69 18.04
N MET A 285 -6.23 -10.75 19.23
CA MET A 285 -7.68 -10.81 19.35
C MET A 285 -8.34 -9.51 18.94
N GLN A 286 -7.54 -8.45 18.84
CA GLN A 286 -7.97 -7.09 18.46
C GLN A 286 -7.87 -6.88 16.96
N LEU A 287 -7.14 -7.77 16.26
CA LEU A 287 -7.00 -7.73 14.81
C LEU A 287 -8.27 -8.29 14.12
N THR A 288 -8.30 -8.24 12.80
CA THR A 288 -9.45 -8.76 12.05
C THR A 288 -9.02 -10.03 11.34
N PRO A 289 -9.96 -10.99 11.10
CA PRO A 289 -9.62 -12.20 10.31
C PRO A 289 -8.80 -11.92 9.03
N LEU A 290 -9.09 -10.81 8.30
CA LEU A 290 -8.37 -10.47 7.06
C LEU A 290 -6.93 -10.05 7.33
N VAL A 291 -6.70 -9.15 8.36
CA VAL A 291 -5.38 -8.69 8.80
C VAL A 291 -4.55 -9.94 9.21
N LEU A 292 -5.17 -10.75 10.06
CA LEU A 292 -4.57 -11.97 10.57
C LEU A 292 -4.08 -12.90 9.47
N GLU A 293 -4.91 -13.06 8.40
CA GLU A 293 -4.66 -13.91 7.24
C GLU A 293 -3.63 -13.28 6.29
N VAL A 294 -3.72 -11.98 6.07
CA VAL A 294 -2.81 -11.29 5.15
C VAL A 294 -1.38 -11.24 5.72
N PHE A 295 -1.24 -10.95 7.04
CA PHE A 295 0.06 -10.79 7.65
C PHE A 295 0.59 -12.04 8.32
N GLY A 296 -0.23 -13.08 8.36
CA GLY A 296 0.13 -14.36 8.96
C GLY A 296 1.07 -15.18 8.11
N SER A 297 1.71 -16.14 8.75
CA SER A 297 2.71 -17.01 8.13
C SER A 297 2.16 -18.22 7.31
N GLU A 298 0.84 -18.53 7.31
CA GLU A 298 0.32 -19.70 6.56
C GLU A 298 0.74 -19.74 5.09
N VAL A 299 1.25 -20.93 4.65
CA VAL A 299 1.74 -21.20 3.28
C VAL A 299 0.66 -21.85 2.42
N HIS B 2 -6.03 -19.49 3.21
CA HIS B 2 -6.35 -18.14 2.66
C HIS B 2 -7.79 -18.02 2.14
N LYS B 3 -8.76 -18.46 2.94
CA LYS B 3 -10.19 -18.43 2.63
C LYS B 3 -10.70 -17.05 2.26
N ILE B 4 -10.41 -16.02 3.09
CA ILE B 4 -10.88 -14.65 2.86
C ILE B 4 -10.28 -14.13 1.56
N LEU B 5 -8.94 -14.18 1.44
CA LEU B 5 -8.21 -13.71 0.26
C LEU B 5 -8.74 -14.32 -1.04
N HIS B 6 -9.11 -15.62 -1.02
CA HIS B 6 -9.70 -16.28 -2.18
C HIS B 6 -11.04 -15.71 -2.56
N ARG B 7 -11.93 -15.52 -1.58
CA ARG B 7 -13.25 -14.95 -1.81
C ARG B 7 -13.14 -13.56 -2.38
N LEU B 8 -12.31 -12.72 -1.74
CA LEU B 8 -12.10 -11.35 -2.16
C LEU B 8 -11.53 -11.24 -3.57
N LEU B 9 -10.69 -12.22 -3.99
CA LEU B 9 -10.11 -12.23 -5.35
C LEU B 9 -11.08 -12.92 -6.33
N GLN B 10 -12.41 -12.78 -6.07
CA GLN B 10 -13.56 -13.40 -6.76
C GLN B 10 -13.60 -14.94 -6.57
#